data_4QCD
#
_entry.id   4QCD
#
_cell.length_a   71.107
_cell.length_b   97.278
_cell.length_c   43.174
_cell.angle_alpha   90.00
_cell.angle_beta   90.00
_cell.angle_gamma   90.00
#
_symmetry.space_group_name_H-M   'P 21 21 2'
#
loop_
_entity.id
_entity.type
_entity.pdbx_description
1 polymer 'Phycocyanobilin:ferredoxin oxidoreductase'
2 non-polymer 'BILIVERDINE IX ALPHA'
3 non-polymer trideuteriooxidanium
4 water water
#
_entity_poly.entity_id   1
_entity_poly.type   'polypeptide(L)'
_entity_poly.pdbx_seq_one_letter_code
;MAVTDLSLTNSSLMPTLNPMIQQLALAIAASWQSLPLKPYQLPEDLGYVEGRLEGEKLVIENRCYQTPQFRKMHLELAKV
GKGLDILHCVMFPEPLYGLPLFGCDIVAGPGGVSAAIADLSPTQSDRQLPAAYQKSLAELGQPEFEQQRELPPWGEIFSE
YCLFIRPSNVTEEERFVQRVVDFLQIHCHQSIVAEPLSEAQTLEHRQGQIHYCQQQQKNDKTRRVLEKAFGEAWAERYMS
QVLFDVIQ
;
_entity_poly.pdbx_strand_id   A
#
loop_
_chem_comp.id
_chem_comp.type
_chem_comp.name
_chem_comp.formula
BLA non-polymer 'BILIVERDINE IX ALPHA' 'C33 H34 N4 O6'
D3O non-polymer trideuteriooxidanium 'D3 O 1'
#
# COMPACT_ATOMS: atom_id res chain seq x y z
N SER A 7 4.18 -8.82 -14.88
CA SER A 7 4.55 -7.47 -15.28
C SER A 7 3.31 -6.70 -15.72
N LEU A 8 3.53 -5.47 -16.15
CA LEU A 8 2.44 -4.51 -16.29
C LEU A 8 2.17 -4.10 -17.73
N THR A 9 2.81 -4.79 -18.67
CA THR A 9 2.62 -4.53 -20.09
C THR A 9 1.21 -4.88 -20.56
N ASN A 10 0.57 -5.81 -19.87
CA ASN A 10 -0.78 -6.23 -20.22
C ASN A 10 -1.87 -5.39 -19.55
N SER A 11 -1.46 -4.43 -18.72
CA SER A 11 -2.42 -3.57 -18.00
C SER A 11 -3.16 -2.63 -18.93
N SER A 12 -4.49 -2.56 -18.80
CA SER A 12 -5.24 -1.60 -19.61
C SER A 12 -5.21 -0.22 -18.97
N LEU A 13 -5.08 -0.17 -17.65
CA LEU A 13 -5.05 1.10 -16.97
C LEU A 13 -3.74 1.86 -17.04
N MET A 14 -2.65 1.12 -16.92
CA MET A 14 -1.35 1.71 -16.73
C MET A 14 -1.03 2.86 -17.70
N PRO A 15 -1.30 2.70 -19.01
CA PRO A 15 -0.87 3.81 -19.86
C PRO A 15 -1.66 5.10 -19.66
N THR A 16 -2.80 5.02 -18.98
CA THR A 16 -3.67 6.17 -18.77
C THR A 16 -3.53 6.81 -17.36
N LEU A 17 -2.63 6.27 -16.55
CA LEU A 17 -2.45 6.77 -15.19
C LEU A 17 -1.40 7.87 -15.10
N ASN A 18 -1.56 8.69 -14.09
CA ASN A 18 -0.59 9.71 -13.75
C ASN A 18 0.84 9.20 -13.80
N PRO A 19 1.79 9.98 -14.37
CA PRO A 19 3.17 9.48 -14.49
C PRO A 19 3.85 9.01 -13.21
N MET A 20 3.59 9.68 -12.07
CA MET A 20 4.20 9.24 -10.81
C MET A 20 3.68 7.86 -10.45
N ILE A 21 2.40 7.65 -10.63
CA ILE A 21 1.80 6.34 -10.39
C ILE A 21 2.42 5.29 -11.30
N GLN A 22 2.64 5.60 -12.57
CA GLN A 22 3.28 4.65 -13.48
CA GLN A 22 3.25 4.61 -13.45
C GLN A 22 4.66 4.26 -12.96
N GLN A 23 5.44 5.26 -12.59
CA GLN A 23 6.79 4.99 -12.11
C GLN A 23 6.81 4.15 -10.86
N LEU A 24 5.90 4.45 -9.90
CA LEU A 24 5.89 3.70 -8.68
C LEU A 24 5.40 2.27 -8.93
N ALA A 25 4.42 2.06 -9.79
CA ALA A 25 3.96 0.72 -10.09
C ALA A 25 5.10 -0.11 -10.68
N LEU A 26 5.88 0.47 -11.58
CA LEU A 26 7.03 -0.21 -12.17
C LEU A 26 8.04 -0.55 -11.12
N ALA A 27 8.32 0.38 -10.19
CA ALA A 27 9.31 0.12 -9.15
C ALA A 27 8.91 -1.00 -8.21
N ILE A 28 7.61 -1.06 -7.87
CA ILE A 28 7.11 -2.10 -7.02
C ILE A 28 7.18 -3.44 -7.75
N ALA A 29 6.70 -3.52 -9.00
CA ALA A 29 6.77 -4.75 -9.75
C ALA A 29 8.21 -5.21 -9.90
N ALA A 30 9.16 -4.29 -10.08
CA ALA A 30 10.55 -4.67 -10.24
C ALA A 30 11.12 -5.26 -8.97
N SER A 31 10.69 -4.74 -7.81
CA SER A 31 11.12 -5.27 -6.53
CA SER A 31 11.13 -5.28 -6.54
CA SER A 31 11.12 -5.27 -6.53
C SER A 31 10.55 -6.66 -6.26
N TRP A 32 9.36 -6.95 -6.77
CA TRP A 32 8.76 -8.26 -6.53
C TRP A 32 9.16 -9.35 -7.54
N GLN A 33 9.59 -8.93 -8.71
CA GLN A 33 9.73 -9.79 -9.91
C GLN A 33 10.49 -11.09 -9.71
N SER A 34 11.57 -11.03 -8.95
CA SER A 34 12.44 -12.18 -8.83
CA SER A 34 12.46 -12.16 -8.82
C SER A 34 12.30 -12.86 -7.49
N LEU A 35 11.28 -12.48 -6.72
CA LEU A 35 10.96 -13.16 -5.44
C LEU A 35 10.35 -14.53 -5.69
N PRO A 36 10.35 -15.38 -4.66
CA PRO A 36 9.69 -16.67 -4.76
C PRO A 36 8.15 -16.53 -4.70
N LEU A 37 7.61 -15.98 -5.77
CA LEU A 37 6.17 -15.65 -5.89
C LEU A 37 5.32 -16.84 -6.22
N LYS A 38 4.13 -16.85 -5.63
CA LYS A 38 3.02 -17.69 -6.09
C LYS A 38 1.81 -16.75 -6.18
N PRO A 39 0.84 -17.08 -7.02
CA PRO A 39 -0.38 -16.28 -7.04
C PRO A 39 -1.11 -16.40 -5.71
N TYR A 40 -1.83 -15.34 -5.37
CA TYR A 40 -2.71 -15.36 -4.24
C TYR A 40 -4.11 -15.09 -4.82
N GLN A 41 -5.03 -15.99 -4.56
CA GLN A 41 -6.41 -15.84 -5.05
C GLN A 41 -7.23 -14.96 -4.15
N LEU A 42 -7.65 -13.85 -4.74
CA LEU A 42 -8.57 -12.95 -4.04
C LEU A 42 -9.93 -13.61 -4.04
N PRO A 43 -10.83 -13.15 -3.17
CA PRO A 43 -12.20 -13.64 -3.23
C PRO A 43 -12.76 -13.56 -4.66
N GLU A 44 -13.39 -14.65 -5.09
CA GLU A 44 -14.00 -14.76 -6.40
C GLU A 44 -13.00 -14.62 -7.52
N ASP A 45 -11.73 -14.89 -7.20
CA ASP A 45 -10.61 -14.80 -8.14
C ASP A 45 -10.65 -13.46 -8.91
N LEU A 46 -10.93 -12.42 -8.16
CA LEU A 46 -11.01 -11.07 -8.69
C LEU A 46 -9.71 -10.61 -9.35
N GLY A 47 -9.83 -10.02 -10.53
CA GLY A 47 -8.73 -9.38 -11.21
C GLY A 47 -9.24 -8.00 -11.53
N TYR A 48 -9.80 -7.87 -12.73
CA TYR A 48 -10.36 -6.65 -13.27
C TYR A 48 -11.82 -6.50 -12.90
N VAL A 49 -12.22 -5.29 -12.53
CA VAL A 49 -13.64 -5.04 -12.22
C VAL A 49 -13.96 -3.61 -12.54
N GLU A 50 -15.18 -3.40 -13.04
CA GLU A 50 -15.68 -2.10 -13.38
C GLU A 50 -17.10 -1.99 -12.91
N GLY A 51 -17.49 -0.81 -12.42
CA GLY A 51 -18.86 -0.58 -12.01
C GLY A 51 -19.23 0.86 -12.07
N ARG A 52 -20.54 1.11 -12.21
CA ARG A 52 -21.08 2.45 -12.20
C ARG A 52 -22.49 2.35 -11.64
N LEU A 53 -22.92 3.37 -10.90
CA LEU A 53 -24.32 3.54 -10.51
C LEU A 53 -24.82 4.78 -11.25
N GLU A 54 -25.08 5.86 -10.50
CA GLU A 54 -25.60 7.10 -11.07
C GLU A 54 -24.54 8.13 -11.43
N GLY A 55 -23.26 7.87 -11.13
CA GLY A 55 -22.21 8.82 -11.43
C GLY A 55 -21.14 8.26 -12.33
N GLU A 56 -19.90 8.48 -11.90
CA GLU A 56 -18.72 8.09 -12.64
C GLU A 56 -18.44 6.59 -12.50
N LYS A 57 -17.82 6.03 -13.52
CA LYS A 57 -17.39 4.63 -13.51
CA LYS A 57 -17.40 4.62 -13.50
C LYS A 57 -16.08 4.50 -12.75
N LEU A 58 -15.96 3.41 -12.02
CA LEU A 58 -14.75 3.01 -11.33
C LEU A 58 -14.20 1.76 -11.99
N VAL A 59 -12.92 1.80 -12.37
CA VAL A 59 -12.23 0.68 -12.98
C VAL A 59 -11.09 0.29 -12.06
N ILE A 60 -10.96 -0.99 -11.74
CA ILE A 60 -9.95 -1.46 -10.82
C ILE A 60 -9.23 -2.65 -11.44
N GLU A 61 -7.90 -2.67 -11.34
CA GLU A 61 -7.09 -3.85 -11.67
C GLU A 61 -6.41 -4.32 -10.43
N ASN A 62 -6.54 -5.60 -10.14
CA ASN A 62 -5.93 -6.22 -8.96
C ASN A 62 -4.89 -7.22 -9.34
N ARG A 63 -3.73 -7.17 -8.69
CA ARG A 63 -2.71 -8.21 -8.82
C ARG A 63 -2.31 -8.62 -7.40
N CYS A 64 -2.17 -9.91 -7.16
CA CYS A 64 -1.90 -10.37 -5.82
C CYS A 64 -1.05 -11.61 -5.83
N TYR A 65 -0.07 -11.60 -4.92
CA TYR A 65 0.92 -12.69 -4.81
C TYR A 65 1.18 -13.03 -3.36
N GLN A 66 1.95 -14.09 -3.12
CA GLN A 66 2.41 -14.46 -1.77
C GLN A 66 3.80 -15.04 -1.90
N THR A 67 4.54 -14.92 -0.83
CA THR A 67 5.81 -15.59 -0.67
C THR A 67 5.85 -16.22 0.72
N PRO A 68 6.92 -16.95 1.06
CA PRO A 68 6.87 -17.52 2.39
C PRO A 68 6.87 -16.47 3.50
N GLN A 69 7.43 -15.28 3.26
CA GLN A 69 7.51 -14.24 4.28
C GLN A 69 6.34 -13.25 4.22
N PHE A 70 5.66 -13.22 3.08
CA PHE A 70 4.55 -12.25 2.87
C PHE A 70 3.31 -13.01 2.49
N ARG A 71 2.32 -13.02 3.38
CA ARG A 71 1.14 -13.81 3.14
C ARG A 71 0.31 -13.28 2.00
N LYS A 72 0.40 -11.97 1.71
CA LYS A 72 -0.42 -11.39 0.69
C LYS A 72 0.22 -10.12 0.20
N MET A 73 0.50 -10.03 -1.09
CA MET A 73 1.13 -8.87 -1.69
CA MET A 73 1.12 -8.85 -1.68
CA MET A 73 1.11 -8.84 -1.67
C MET A 73 0.17 -8.32 -2.73
N HIS A 74 -0.47 -7.20 -2.43
CA HIS A 74 -1.55 -6.70 -3.24
C HIS A 74 -1.20 -5.38 -3.90
N LEU A 75 -1.23 -5.35 -5.23
CA LEU A 75 -1.08 -4.11 -6.03
C LEU A 75 -2.41 -3.86 -6.70
N GLU A 76 -2.99 -2.71 -6.42
CA GLU A 76 -4.29 -2.32 -6.97
C GLU A 76 -4.09 -1.02 -7.70
N LEU A 77 -4.55 -0.95 -8.92
CA LEU A 77 -4.58 0.29 -9.70
C LEU A 77 -6.03 0.65 -9.93
N ALA A 78 -6.40 1.92 -9.88
CA ALA A 78 -7.79 2.27 -10.08
C ALA A 78 -7.91 3.64 -10.73
N LYS A 79 -9.00 3.83 -11.45
CA LYS A 79 -9.34 5.07 -12.07
C LYS A 79 -10.83 5.31 -11.93
N VAL A 80 -11.18 6.51 -11.47
CA VAL A 80 -12.57 6.95 -11.39
C VAL A 80 -12.78 7.95 -12.49
N GLY A 81 -13.71 7.62 -13.38
CA GLY A 81 -13.95 8.48 -14.51
C GLY A 81 -12.69 8.73 -15.30
N LYS A 82 -12.50 10.00 -15.68
CA LYS A 82 -11.38 10.35 -16.52
C LYS A 82 -10.24 10.84 -15.67
N GLY A 83 -10.56 11.37 -14.50
CA GLY A 83 -9.62 12.22 -13.77
C GLY A 83 -8.84 11.62 -12.60
N LEU A 84 -9.49 10.76 -11.81
CA LEU A 84 -8.94 10.36 -10.50
C LEU A 84 -8.24 9.01 -10.63
N ASP A 85 -6.94 9.01 -10.37
CA ASP A 85 -6.09 7.87 -10.50
C ASP A 85 -5.61 7.43 -9.13
N ILE A 86 -5.54 6.12 -8.88
CA ILE A 86 -5.13 5.60 -7.59
C ILE A 86 -4.19 4.42 -7.75
N LEU A 87 -3.16 4.39 -6.91
CA LEU A 87 -2.35 3.23 -6.69
C LEU A 87 -2.39 2.87 -5.23
N HIS A 88 -2.61 1.59 -4.94
CA HIS A 88 -2.70 1.04 -3.60
C HIS A 88 -1.79 -0.15 -3.55
N CYS A 89 -0.91 -0.25 -2.57
CA CYS A 89 -0.11 -1.44 -2.40
C CYS A 89 0.05 -1.75 -0.93
N VAL A 90 -0.16 -3.02 -0.56
CA VAL A 90 0.18 -3.49 0.77
C VAL A 90 0.88 -4.80 0.63
N MET A 91 1.97 -4.96 1.36
CA MET A 91 2.62 -6.29 1.59
C MET A 91 2.26 -6.71 3.01
N PHE A 92 1.37 -7.69 3.13
CA PHE A 92 0.97 -8.21 4.43
C PHE A 92 1.98 -9.30 4.83
N PRO A 93 2.65 -9.13 5.97
CA PRO A 93 3.62 -10.12 6.39
C PRO A 93 3.00 -11.40 6.92
N GLU A 94 3.72 -12.49 6.77
CA GLU A 94 3.41 -13.69 7.54
CA GLU A 94 3.43 -13.70 7.51
C GLU A 94 3.84 -13.40 8.96
N PRO A 95 2.92 -13.52 9.92
CA PRO A 95 3.32 -13.14 11.27
C PRO A 95 4.47 -13.94 11.90
N LEU A 96 4.65 -15.20 11.47
CA LEU A 96 5.76 -16.02 11.90
C LEU A 96 7.13 -15.34 11.79
N TYR A 97 7.30 -14.42 10.83
CA TYR A 97 8.60 -13.78 10.64
C TYR A 97 8.73 -12.39 11.19
N GLY A 98 7.60 -11.83 11.69
CA GLY A 98 7.63 -10.61 12.44
C GLY A 98 8.04 -9.35 11.66
N LEU A 99 7.83 -9.38 10.35
CA LEU A 99 8.19 -8.22 9.52
C LEU A 99 7.10 -7.15 9.55
N PRO A 100 7.49 -5.90 9.35
CA PRO A 100 6.49 -4.81 9.34
C PRO A 100 5.65 -4.84 8.07
N LEU A 101 4.64 -4.01 8.07
CA LEU A 101 3.72 -3.84 6.96
C LEU A 101 4.11 -2.75 6.01
N PHE A 102 4.50 -3.11 4.80
CA PHE A 102 4.74 -2.08 3.82
C PHE A 102 3.40 -1.67 3.21
N GLY A 103 3.15 -0.38 3.11
CA GLY A 103 1.99 0.11 2.42
C GLY A 103 2.24 1.41 1.72
N CYS A 104 1.48 1.65 0.65
CA CYS A 104 1.62 2.84 -0.18
CA CYS A 104 1.47 2.96 0.06
C CYS A 104 0.21 3.21 -0.72
N ASP A 105 -0.10 4.49 -0.82
CA ASP A 105 -1.38 4.95 -1.41
CA ASP A 105 -1.32 4.95 -1.43
C ASP A 105 -0.98 6.23 -2.18
N ILE A 106 -1.31 6.31 -3.45
CA ILE A 106 -1.10 7.52 -4.24
C ILE A 106 -2.41 7.87 -4.88
N VAL A 107 -2.82 9.13 -4.75
CA VAL A 107 -4.06 9.57 -5.34
C VAL A 107 -3.72 10.80 -6.21
N ALA A 108 -4.18 10.80 -7.46
CA ALA A 108 -3.86 11.90 -8.38
C ALA A 108 -5.10 12.31 -9.15
N GLY A 109 -5.19 13.60 -9.44
CA GLY A 109 -6.22 14.14 -10.31
C GLY A 109 -5.55 14.84 -11.46
N PRO A 110 -6.36 15.45 -12.33
CA PRO A 110 -5.89 16.21 -13.50
C PRO A 110 -4.83 17.25 -13.15
N GLY A 111 -4.99 17.87 -12.00
CA GLY A 111 -4.08 18.89 -11.50
C GLY A 111 -2.90 18.42 -10.68
N GLY A 112 -2.69 17.11 -10.62
CA GLY A 112 -1.47 16.59 -10.02
C GLY A 112 -1.81 15.61 -8.91
N VAL A 113 -0.76 15.07 -8.32
CA VAL A 113 -0.88 14.17 -7.20
C VAL A 113 -1.36 14.95 -5.96
N SER A 114 -2.44 14.48 -5.33
CA SER A 114 -2.98 15.14 -4.15
C SER A 114 -2.45 14.51 -2.86
N ALA A 115 -2.19 13.20 -2.88
CA ALA A 115 -1.79 12.45 -1.70
C ALA A 115 -0.77 11.42 -2.09
N ALA A 116 0.33 11.37 -1.38
CA ALA A 116 1.31 10.30 -1.56
C ALA A 116 1.70 9.86 -0.18
N ILE A 117 1.42 8.60 0.16
CA ILE A 117 1.76 8.10 1.48
CA ILE A 117 1.64 8.04 1.49
C ILE A 117 2.43 6.75 1.37
N ALA A 118 3.46 6.59 2.16
CA ALA A 118 4.15 5.32 2.23
C ALA A 118 4.67 5.11 3.63
N ASP A 119 4.71 3.86 4.07
CA ASP A 119 5.17 3.50 5.42
C ASP A 119 5.60 2.06 5.47
N LEU A 120 6.47 1.80 6.44
CA LEU A 120 6.73 0.47 6.97
C LEU A 120 6.12 0.52 8.38
N SER A 121 4.95 -0.09 8.57
CA SER A 121 4.18 0.07 9.79
C SER A 121 4.45 -1.07 10.74
N PRO A 122 4.47 -0.74 12.04
CA PRO A 122 4.82 -1.76 13.05
C PRO A 122 3.71 -2.74 13.34
N THR A 123 4.12 -3.92 13.76
CA THR A 123 3.21 -4.97 14.19
C THR A 123 3.44 -5.40 15.65
N GLN A 124 4.50 -4.90 16.26
CA GLN A 124 4.80 -5.16 17.69
C GLN A 124 3.85 -4.41 18.57
N SER A 125 3.59 -4.98 19.74
CA SER A 125 2.65 -4.33 20.67
C SER A 125 3.16 -2.98 21.19
N ASP A 126 4.48 -2.78 21.21
CA ASP A 126 5.04 -1.51 21.65
C ASP A 126 5.09 -0.50 20.51
N ARG A 127 4.50 -0.88 19.37
CA ARG A 127 4.40 0.00 18.20
C ARG A 127 5.73 0.51 17.68
N GLN A 128 6.79 -0.23 17.95
CA GLN A 128 8.12 0.05 17.39
C GLN A 128 8.45 -0.91 16.27
N LEU A 129 9.23 -0.42 15.32
CA LEU A 129 9.81 -1.26 14.28
C LEU A 129 10.93 -2.10 14.86
N PRO A 130 11.21 -3.24 14.25
CA PRO A 130 12.41 -4.00 14.70
C PRO A 130 13.66 -3.14 14.60
N ALA A 131 14.61 -3.43 15.48
CA ALA A 131 15.84 -2.63 15.56
C ALA A 131 16.61 -2.49 14.24
N ALA A 132 16.66 -3.54 13.44
CA ALA A 132 17.36 -3.49 12.14
C ALA A 132 16.72 -2.47 11.18
N TYR A 133 15.41 -2.36 11.26
CA TYR A 133 14.70 -1.40 10.44
C TYR A 133 14.95 0.02 10.92
N GLN A 134 14.86 0.21 12.22
CA GLN A 134 15.12 1.54 12.81
C GLN A 134 16.48 2.05 12.37
N LYS A 135 17.47 1.17 12.48
CA LYS A 135 18.84 1.54 12.11
C LYS A 135 18.95 1.88 10.64
N SER A 136 18.44 1.00 9.79
CA SER A 136 18.53 1.25 8.35
C SER A 136 17.76 2.49 7.91
N LEU A 137 16.59 2.72 8.51
CA LEU A 137 15.77 3.85 8.10
C LEU A 137 16.38 5.16 8.57
N ALA A 138 16.95 5.16 9.78
CA ALA A 138 17.60 6.37 10.29
C ALA A 138 18.75 6.79 9.35
N GLU A 139 19.49 5.82 8.85
CA GLU A 139 20.59 6.08 7.92
C GLU A 139 20.23 6.78 6.60
N LEU A 140 18.98 6.68 6.16
CA LEU A 140 18.53 7.37 4.94
C LEU A 140 18.45 8.89 5.14
N GLY A 141 18.23 9.29 6.38
CA GLY A 141 18.07 10.68 6.69
C GLY A 141 16.65 11.21 6.49
N GLN A 142 16.40 12.40 7.01
CA GLN A 142 15.08 13.03 6.94
C GLN A 142 14.84 13.61 5.56
N PRO A 143 13.78 13.17 4.90
CA PRO A 143 13.54 13.75 3.58
C PRO A 143 12.87 15.12 3.74
N GLU A 144 13.16 16.03 2.84
CA GLU A 144 12.61 17.38 2.88
C GLU A 144 11.51 17.45 1.85
N PHE A 145 10.31 17.74 2.35
CA PHE A 145 9.16 17.95 1.49
C PHE A 145 8.47 19.22 1.91
N GLU A 146 8.03 20.01 0.93
CA GLU A 146 7.44 21.32 1.24
CA GLU A 146 7.39 21.33 1.13
C GLU A 146 6.04 21.23 1.82
N GLN A 147 5.25 20.21 1.44
CA GLN A 147 3.85 20.15 1.85
CA GLN A 147 3.87 20.15 1.88
C GLN A 147 3.52 18.82 2.51
N GLN A 148 3.79 18.71 3.78
CA GLN A 148 3.44 17.54 4.53
C GLN A 148 1.97 17.64 4.91
N ARG A 149 1.34 16.47 5.09
CA ARG A 149 -0.04 16.36 5.54
C ARG A 149 -0.11 15.58 6.85
N GLU A 150 -0.97 16.03 7.74
CA GLU A 150 -1.13 15.38 9.04
CA GLU A 150 -1.10 15.36 9.03
C GLU A 150 -2.03 14.15 8.90
N LEU A 151 -1.65 13.06 9.57
CA LEU A 151 -2.41 11.82 9.46
C LEU A 151 -3.75 11.94 10.17
N PRO A 152 -4.76 11.24 9.68
CA PRO A 152 -6.06 11.22 10.36
C PRO A 152 -5.98 10.43 11.66
N PRO A 153 -7.03 10.50 12.47
CA PRO A 153 -6.94 9.88 13.78
C PRO A 153 -6.65 8.38 13.79
N TRP A 154 -7.21 7.71 12.80
CA TRP A 154 -6.97 6.25 12.70
C TRP A 154 -5.55 5.94 12.27
N GLY A 155 -4.77 6.97 11.96
CA GLY A 155 -3.40 6.80 11.50
C GLY A 155 -2.35 6.57 12.60
N GLU A 156 -2.80 6.29 13.83
CA GLU A 156 -1.89 5.92 14.92
C GLU A 156 -1.11 4.62 14.60
N ILE A 157 -1.64 3.86 13.63
CA ILE A 157 -0.98 2.62 13.16
C ILE A 157 0.32 2.83 12.40
N PHE A 158 0.55 4.04 11.92
CA PHE A 158 1.75 4.30 11.11
C PHE A 158 2.99 4.62 11.95
N SER A 159 4.15 4.26 11.43
CA SER A 159 5.43 4.51 12.08
C SER A 159 5.81 5.98 12.04
N GLU A 160 6.85 6.31 12.81
CA GLU A 160 7.40 7.66 12.77
C GLU A 160 8.14 7.96 11.47
N TYR A 161 8.31 6.95 10.59
CA TYR A 161 8.99 7.14 9.31
C TYR A 161 7.94 7.32 8.18
N CYS A 162 6.65 7.33 8.53
CA CYS A 162 5.60 7.49 7.53
C CYS A 162 5.72 8.80 6.79
N LEU A 163 5.62 8.74 5.45
CA LEU A 163 5.60 9.91 4.57
C LEU A 163 4.20 10.14 4.15
N PHE A 164 3.67 11.34 4.35
CA PHE A 164 2.36 11.69 3.84
C PHE A 164 2.46 13.12 3.33
N ILE A 165 2.51 13.27 2.02
CA ILE A 165 2.75 14.55 1.39
C ILE A 165 1.82 14.81 0.25
N ARG A 166 1.76 16.08 -0.15
CA ARG A 166 1.34 16.50 -1.48
C ARG A 166 2.61 16.93 -2.19
N PRO A 167 3.06 16.21 -3.23
CA PRO A 167 4.26 16.68 -3.93
C PRO A 167 4.04 18.02 -4.60
N SER A 168 5.01 18.89 -4.47
CA SER A 168 4.93 20.27 -4.95
CA SER A 168 4.88 20.26 -4.97
C SER A 168 5.45 20.44 -6.36
N ASN A 169 6.28 19.51 -6.82
CA ASN A 169 6.88 19.63 -8.15
C ASN A 169 7.46 18.27 -8.57
N VAL A 170 7.99 18.14 -9.80
CA VAL A 170 8.54 16.87 -10.29
CA VAL A 170 8.47 16.83 -10.23
C VAL A 170 9.66 16.36 -9.42
N THR A 171 10.48 17.26 -8.91
CA THR A 171 11.62 16.88 -8.08
C THR A 171 11.12 16.12 -6.84
N GLU A 172 10.05 16.63 -6.24
CA GLU A 172 9.52 15.97 -5.04
C GLU A 172 8.82 14.65 -5.39
N GLU A 173 8.19 14.58 -6.54
CA GLU A 173 7.64 13.29 -7.02
C GLU A 173 8.74 12.26 -7.12
N GLU A 174 9.88 12.63 -7.73
CA GLU A 174 10.95 11.67 -7.91
C GLU A 174 11.57 11.29 -6.56
N ARG A 175 11.73 12.25 -5.66
CA ARG A 175 12.27 12.00 -4.32
C ARG A 175 11.38 11.04 -3.54
N PHE A 176 10.06 11.18 -3.69
CA PHE A 176 9.16 10.29 -3.00
C PHE A 176 9.28 8.87 -3.58
N VAL A 177 9.33 8.73 -4.89
CA VAL A 177 9.46 7.39 -5.52
C VAL A 177 10.77 6.75 -5.03
N GLN A 178 11.86 7.53 -4.98
CA GLN A 178 13.12 6.96 -4.56
C GLN A 178 13.08 6.49 -3.09
N ARG A 179 12.35 7.20 -2.25
CA ARG A 179 12.23 6.82 -0.87
C ARG A 179 11.46 5.50 -0.75
N VAL A 180 10.44 5.34 -1.55
CA VAL A 180 9.71 4.07 -1.56
C VAL A 180 10.61 2.93 -2.04
N VAL A 181 11.43 3.16 -3.06
CA VAL A 181 12.39 2.16 -3.50
C VAL A 181 13.36 1.81 -2.38
N ASP A 182 13.84 2.81 -1.64
CA ASP A 182 14.72 2.57 -0.50
C ASP A 182 14.01 1.73 0.58
N PHE A 183 12.74 2.03 0.88
CA PHE A 183 12.01 1.24 1.82
C PHE A 183 11.95 -0.20 1.37
N LEU A 184 11.65 -0.40 0.09
CA LEU A 184 11.51 -1.77 -0.41
C LEU A 184 12.82 -2.51 -0.39
N GLN A 185 13.92 -1.82 -0.69
CA GLN A 185 15.24 -2.49 -0.65
C GLN A 185 15.57 -2.97 0.76
N ILE A 186 15.29 -2.14 1.75
CA ILE A 186 15.53 -2.51 3.13
C ILE A 186 14.65 -3.70 3.49
N HIS A 187 13.35 -3.61 3.14
CA HIS A 187 12.36 -4.61 3.49
C HIS A 187 12.61 -5.97 2.88
N CYS A 188 12.99 -5.96 1.59
CA CYS A 188 13.32 -7.21 0.90
C CYS A 188 14.59 -7.82 1.53
N HIS A 189 15.56 -7.00 1.90
CA HIS A 189 16.78 -7.56 2.55
C HIS A 189 16.46 -8.15 3.92
N GLN A 190 15.69 -7.43 4.73
CA GLN A 190 15.37 -7.97 6.04
C GLN A 190 14.53 -9.24 5.95
N SER A 191 13.77 -9.43 4.89
CA SER A 191 13.01 -10.65 4.75
C SER A 191 13.85 -11.91 4.54
N ILE A 192 15.08 -11.74 4.02
CA ILE A 192 16.03 -12.84 3.81
C ILE A 192 16.63 -13.26 5.14
N VAL A 193 16.83 -12.33 6.06
CA VAL A 193 17.50 -12.68 7.30
C VAL A 193 16.53 -12.89 8.46
N ALA A 194 15.24 -12.78 8.21
CA ALA A 194 14.25 -13.00 9.29
C ALA A 194 14.15 -14.48 9.71
N GLU A 195 14.08 -14.71 11.02
CA GLU A 195 13.89 -16.09 11.53
C GLU A 195 12.49 -16.30 12.08
N PRO A 196 11.98 -17.54 11.94
CA PRO A 196 10.68 -17.87 12.50
C PRO A 196 10.69 -17.59 14.00
N LEU A 197 9.63 -16.97 14.44
CA LEU A 197 9.47 -16.57 15.82
C LEU A 197 8.72 -17.61 16.63
N SER A 198 8.75 -17.39 17.94
CA SER A 198 8.01 -18.24 18.88
C SER A 198 6.50 -18.12 18.66
N GLU A 199 5.75 -19.07 19.17
CA GLU A 199 4.29 -19.03 19.06
C GLU A 199 3.73 -17.74 19.72
N ALA A 200 4.28 -17.33 20.87
CA ALA A 200 3.79 -16.16 21.58
C ALA A 200 4.08 -14.88 20.81
N GLN A 201 5.28 -14.80 20.20
CA GLN A 201 5.64 -13.62 19.42
C GLN A 201 4.84 -13.60 18.15
N THR A 202 4.60 -14.76 17.56
CA THR A 202 3.81 -14.83 16.33
C THR A 202 2.44 -14.25 16.61
N LEU A 203 1.88 -14.58 17.79
CA LEU A 203 0.57 -14.10 18.15
C LEU A 203 0.53 -12.57 18.29
N GLU A 204 1.57 -12.00 18.88
CA GLU A 204 1.66 -10.58 19.02
C GLU A 204 1.67 -9.90 17.62
N HIS A 205 2.50 -10.40 16.72
CA HIS A 205 2.50 -9.82 15.35
C HIS A 205 1.22 -9.99 14.61
N ARG A 206 0.55 -11.11 14.78
CA ARG A 206 -0.75 -11.32 14.17
C ARG A 206 -1.74 -10.25 14.66
N GLN A 207 -1.77 -10.00 15.97
CA GLN A 207 -2.64 -8.97 16.51
C GLN A 207 -2.33 -7.60 15.95
N GLY A 208 -1.05 -7.28 15.74
CA GLY A 208 -0.69 -5.98 15.22
C GLY A 208 -1.24 -5.82 13.80
N GLN A 209 -1.17 -6.89 13.01
CA GLN A 209 -1.69 -6.84 11.66
C GLN A 209 -3.23 -6.71 11.63
N ILE A 210 -3.90 -7.46 12.52
CA ILE A 210 -5.36 -7.36 12.64
C ILE A 210 -5.73 -5.91 12.99
N HIS A 211 -5.00 -5.30 13.91
CA HIS A 211 -5.29 -3.92 14.29
C HIS A 211 -5.07 -2.96 13.15
N TYR A 212 -3.99 -3.16 12.38
CA TYR A 212 -3.74 -2.33 11.21
C TYR A 212 -4.92 -2.38 10.24
N CYS A 213 -5.40 -3.57 9.96
CA CYS A 213 -6.49 -3.75 9.02
C CYS A 213 -7.79 -3.13 9.53
N GLN A 214 -8.09 -3.30 10.81
CA GLN A 214 -9.30 -2.69 11.38
CA GLN A 214 -9.31 -2.71 11.35
C GLN A 214 -9.27 -1.20 11.26
N GLN A 215 -8.11 -0.60 11.54
CA GLN A 215 -7.99 0.83 11.46
C GLN A 215 -8.03 1.39 10.05
N GLN A 216 -7.42 0.68 9.10
CA GLN A 216 -7.51 1.09 7.72
C GLN A 216 -8.91 1.05 7.15
N GLN A 217 -9.75 0.20 7.71
CA GLN A 217 -11.15 0.15 7.29
C GLN A 217 -11.95 1.38 7.69
N LYS A 218 -11.43 2.22 8.58
CA LYS A 218 -12.08 3.47 8.99
C LYS A 218 -11.84 4.62 8.02
N ASN A 219 -11.11 4.36 6.94
CA ASN A 219 -10.84 5.37 5.95
C ASN A 219 -12.05 5.65 5.07
N ASP A 220 -12.80 6.68 5.44
CA ASP A 220 -13.98 7.06 4.70
C ASP A 220 -13.70 7.58 3.27
N LYS A 221 -12.49 8.10 3.00
CA LYS A 221 -12.21 8.64 1.69
C LYS A 221 -12.16 7.48 0.69
N THR A 222 -11.60 6.36 1.09
CA THR A 222 -11.64 5.17 0.25
C THR A 222 -13.05 4.64 0.10
N ARG A 223 -13.74 4.48 1.22
CA ARG A 223 -15.07 3.89 1.22
C ARG A 223 -16.03 4.65 0.32
N ARG A 224 -16.03 5.96 0.42
CA ARG A 224 -16.96 6.77 -0.38
C ARG A 224 -16.73 6.60 -1.87
N VAL A 225 -15.47 6.48 -2.34
CA VAL A 225 -15.21 6.22 -3.74
C VAL A 225 -15.84 4.89 -4.15
N LEU A 226 -15.66 3.86 -3.37
CA LEU A 226 -16.22 2.56 -3.72
C LEU A 226 -17.73 2.58 -3.69
N GLU A 227 -18.31 3.26 -2.71
CA GLU A 227 -19.76 3.28 -2.54
C GLU A 227 -20.40 3.99 -3.72
N LYS A 228 -19.80 5.07 -4.22
CA LYS A 228 -20.40 5.84 -5.31
CA LYS A 228 -20.44 5.83 -5.29
C LYS A 228 -20.50 5.03 -6.59
N ALA A 229 -19.64 4.02 -6.75
CA ALA A 229 -19.63 3.22 -7.96
C ALA A 229 -20.32 1.88 -7.82
N PHE A 230 -20.37 1.30 -6.63
CA PHE A 230 -20.84 -0.08 -6.45
C PHE A 230 -21.86 -0.22 -5.32
N GLY A 231 -22.05 0.80 -4.48
CA GLY A 231 -22.96 0.68 -3.37
C GLY A 231 -22.33 0.26 -2.08
N GLU A 232 -23.07 0.50 -1.01
CA GLU A 232 -22.63 0.28 0.36
C GLU A 232 -22.23 -1.17 0.62
N ALA A 233 -23.03 -2.14 0.21
CA ALA A 233 -22.73 -3.53 0.56
C ALA A 233 -21.51 -4.01 -0.17
N TRP A 234 -21.38 -3.67 -1.44
CA TRP A 234 -20.20 -4.05 -2.21
C TRP A 234 -18.94 -3.43 -1.60
N ALA A 235 -19.02 -2.16 -1.27
CA ALA A 235 -17.86 -1.45 -0.70
C ALA A 235 -17.45 -2.08 0.62
N GLU A 236 -18.38 -2.47 1.49
CA GLU A 236 -18.01 -3.10 2.76
C GLU A 236 -17.33 -4.43 2.52
N ARG A 237 -17.85 -5.25 1.59
CA ARG A 237 -17.24 -6.51 1.24
C ARG A 237 -15.83 -6.29 0.69
N TYR A 238 -15.68 -5.31 -0.20
CA TYR A 238 -14.38 -5.06 -0.81
C TYR A 238 -13.37 -4.59 0.25
N MET A 239 -13.76 -3.66 1.10
CA MET A 239 -12.82 -3.17 2.11
CA MET A 239 -12.91 -3.14 2.19
C MET A 239 -12.45 -4.24 3.12
N SER A 240 -13.39 -5.09 3.53
CA SER A 240 -13.10 -6.06 4.56
C SER A 240 -12.56 -7.39 4.08
N GLN A 241 -12.82 -7.77 2.83
CA GLN A 241 -12.41 -9.06 2.34
C GLN A 241 -11.31 -8.99 1.28
N VAL A 242 -11.20 -7.87 0.58
CA VAL A 242 -10.19 -7.75 -0.48
C VAL A 242 -9.07 -6.83 -0.02
N LEU A 243 -9.39 -5.61 0.44
CA LEU A 243 -8.31 -4.68 0.75
C LEU A 243 -7.65 -4.94 2.06
N PHE A 244 -8.40 -5.06 3.15
CA PHE A 244 -7.84 -5.14 4.48
C PHE A 244 -8.45 -6.31 5.26
N ASP A 245 -8.14 -7.51 4.80
CA ASP A 245 -8.71 -8.71 5.40
C ASP A 245 -8.06 -9.01 6.73
N VAL A 246 -8.91 -9.32 7.69
CA VAL A 246 -8.48 -9.69 9.02
C VAL A 246 -8.19 -11.18 9.04
N ILE A 247 -6.99 -11.53 9.49
CA ILE A 247 -6.60 -12.93 9.55
C ILE A 247 -6.96 -13.52 10.94
N GLN A 248 -6.86 -14.83 11.08
CA GLN A 248 -7.06 -15.45 12.39
C GLN A 248 -5.76 -16.07 12.91
CHA BLA B . -6.51 9.18 1.10
NA BLA B . -7.47 7.44 -0.45
C1A BLA B . -7.33 8.71 0.00
C2A BLA B . -8.11 9.60 -0.73
C3A BLA B . -8.79 8.85 -1.63
C4A BLA B . -8.38 7.54 -1.46
CMA BLA B . -9.76 9.37 -2.65
CAA BLA B . -8.16 11.11 -0.51
CBA BLA B . -6.93 11.74 -1.13
CGA BLA B . -6.61 13.11 -0.67
O1A BLA B . -7.08 13.51 0.42
O2A BLA B . -5.90 13.88 -1.36
CHB BLA B . -8.95 6.44 -2.27
NB BLA B . -7.21 4.67 -1.75
C1B BLA B . -8.47 5.22 -2.35
C2B BLA B . -9.04 4.09 -3.08
C3B BLA B . -8.29 2.98 -2.98
C4B BLA B . -7.13 3.24 -2.17
CMB BLA B . -10.33 4.28 -3.81
OB BLA B . -6.24 2.51 -1.82
CAB BLA B . -8.51 1.60 -3.55
CBB BLA B . -9.49 1.31 -4.43
NC BLA B . -4.66 4.08 2.05
C1C BLA B . -4.31 2.64 1.74
C2C BLA B . -3.03 2.44 2.35
C3C BLA B . -2.58 3.53 2.99
C4C BLA B . -3.52 4.62 2.88
CMC BLA B . -2.37 1.09 2.24
OC BLA B . -5.08 2.00 1.09
CAC BLA B . -1.32 3.73 3.77
CBC BLA B . -0.25 3.00 3.68
CHD BLA B . -3.47 5.85 3.40
ND BLA B . -5.10 7.20 1.90
C1D BLA B . -4.32 6.99 3.07
C2D BLA B . -4.49 8.11 3.95
C3D BLA B . -5.32 9.02 3.30
C4D BLA B . -5.76 8.52 1.97
CMD BLA B . -3.87 8.29 5.30
CAD BLA B . -5.83 10.35 3.83
CBD BLA B . -7.10 10.12 4.59
CGD BLA B . -7.74 11.43 5.01
O1D BLA B . -7.30 12.53 4.58
O2D BLA B . -8.73 11.36 5.77
HHA BLA B . -6.61 10.13 1.32
DA BLA B . -7.06 6.68 -0.13
HMA1 BLA B . -9.24 9.67 -3.43
HMA2 BLA B . -10.24 10.15 -2.31
HMA3 BLA B . -10.41 8.68 -2.91
HAA1 BLA B . -8.98 11.53 -0.87
HAA2 BLA B . -8.14 11.27 0.45
HBA1 BLA B . -7.01 11.74 -2.10
HBA2 BLA B . -6.17 11.18 -0.89
HHB BLA B . -9.87 6.58 -2.63
DB BLA B . -6.63 5.14 -1.22
HMB1 BLA B . -10.25 5.11 -4.35
HMB2 BLA B . -11.06 4.39 -3.16
HMB3 BLA B . -10.51 3.53 -4.41
HAB BLA B . -8.05 0.87 -3.07
HBB1 BLA B . -9.49 1.84 -5.25
HBB2 BLA B . -9.76 0.37 -4.48
DC BLA B . -5.43 4.53 1.82
HMC1 BLA B . -1.83 1.04 1.40
HMC2 BLA B . -1.78 0.95 3.03
HMC3 BLA B . -3.07 0.41 2.20
HAC BLA B . -1.40 4.28 4.59
HBC1 BLA B . -0.15 2.43 2.89
HBC2 BLA B . 0.55 3.28 4.19
HHD BLA B . -2.84 5.97 4.16
HMD1 BLA B . -3.34 7.50 5.54
HMD2 BLA B . -4.57 8.41 5.98
HMD3 BLA B . -3.32 9.09 5.29
HAD1 BLA B . -5.17 10.75 4.40
HAD2 BLA B . -5.99 10.98 3.09
HBD1 BLA B . -6.89 9.59 5.39
HBD2 BLA B . -7.74 9.62 4.05
DD BLA B . -5.12 6.65 1.16
O D3O C . -4.65 -4.55 0.03
D1 D3O C . -4.47 -3.55 -0.01
D2 D3O C . -4.82 -4.92 -0.87
D3 D3O C . -5.36 -4.78 0.65
#